data_3T02
#
_entry.id   3T02
#
_cell.length_a   111.354
_cell.length_b   111.354
_cell.length_c   72.770
_cell.angle_alpha   90.000
_cell.angle_beta   90.000
_cell.angle_gamma   90.000
#
_symmetry.space_group_name_H-M   'P 43 21 2'
#
loop_
_entity.id
_entity.type
_entity.pdbx_description
1 polymer 'phosphonoacetate hydrolase'
2 non-polymer 'ZINC ION'
3 non-polymer 'PHOSPHONOACETIC ACID'
4 water water
#
_entity_poly.entity_id   1
_entity_poly.type   'polypeptide(L)'
_entity_poly.pdbx_seq_one_letter_code
;GSHMNQMSKISVTVNGRRYPWPRVPAIAVCLDGCEPAYLDAAIDAGLMPALKRIKERGAVRLAHSVIPSFANPNNLSIAT
GSPPAVHGICGNYLYEPSTGEEVMMNDPKFLRAPTIFQAFYDAGARVAVVTAKDKLRALLGKGLRFDEGRAVCFSSEKSD
KATRAEHGIDNASAWLGRPVPEVYSAALSEFVFAAGVKLLREFRPDIMYLTTTDYVQHKYAPGVPEANSFYEMFDRYLAE
LDGLGAAIVVTADHGMKPKHKADGSPDVIYVQDLLDEWLGKDAARVILPITDPYVVHHGALGSFATAYLPDGCDRSEIMA
RLKAIQGVDVVLGREEACRRFELPEDRIGDIVLVSSENKTLGTSEHRHDLAALDEPLRSHGGLTEQEVPFIVNRVLPELP
NAPRLRNFDAFFYAVTAAAEAGAEGGL
;
_entity_poly.pdbx_strand_id   A
#
loop_
_chem_comp.id
_chem_comp.type
_chem_comp.name
_chem_comp.formula
PAE non-polymer 'PHOSPHONOACETIC ACID' 'C2 H5 O5 P'
ZN non-polymer 'ZINC ION' 'Zn 2'
#
# COMPACT_ATOMS: atom_id res chain seq x y z
N MET A 7 31.60 -10.40 21.18
CA MET A 7 30.81 -10.74 19.97
C MET A 7 30.16 -9.48 19.40
N SER A 8 30.42 -9.20 18.12
CA SER A 8 29.72 -8.09 17.46
C SER A 8 28.30 -8.53 17.06
N LYS A 9 27.38 -7.57 17.01
CA LYS A 9 25.99 -7.86 16.71
C LYS A 9 25.81 -8.24 15.25
N ILE A 10 24.82 -9.09 14.96
CA ILE A 10 24.56 -9.51 13.59
C ILE A 10 23.49 -8.62 12.98
N SER A 11 23.74 -8.16 11.74
CA SER A 11 22.79 -7.33 11.02
C SER A 11 22.78 -7.64 9.52
N VAL A 12 21.73 -7.15 8.86
CA VAL A 12 21.60 -7.22 7.42
C VAL A 12 21.36 -5.78 6.97
N THR A 13 22.15 -5.31 6.01
CA THR A 13 22.00 -3.95 5.50
C THR A 13 21.30 -4.02 4.15
N VAL A 14 20.22 -3.25 4.01
N VAL A 14 20.21 -3.29 3.98
CA VAL A 14 19.38 -3.22 2.80
CA VAL A 14 19.53 -3.26 2.69
C VAL A 14 19.09 -1.77 2.44
C VAL A 14 19.05 -1.84 2.39
N ASN A 15 19.39 -1.37 1.19
CA ASN A 15 19.15 0.01 0.76
C ASN A 15 19.65 1.06 1.76
N GLY A 16 20.84 0.84 2.30
CA GLY A 16 21.44 1.82 3.21
C GLY A 16 20.94 1.81 4.63
N ARG A 17 20.07 0.86 4.99
CA ARG A 17 19.60 0.79 6.38
C ARG A 17 20.04 -0.53 7.03
N ARG A 18 20.45 -0.45 8.29
CA ARG A 18 20.98 -1.61 9.01
C ARG A 18 19.91 -2.29 9.84
N TYR A 19 19.55 -3.53 9.48
CA TYR A 19 18.52 -4.29 10.22
C TYR A 19 19.16 -5.29 11.17
N PRO A 20 18.99 -5.11 12.49
CA PRO A 20 19.52 -6.12 13.41
C PRO A 20 18.81 -7.46 13.21
N TRP A 21 19.51 -8.56 13.44
CA TRP A 21 18.92 -9.87 13.26
C TRP A 21 17.84 -10.09 14.32
N PRO A 22 16.63 -10.53 13.90
CA PRO A 22 15.53 -10.66 14.86
C PRO A 22 15.65 -11.96 15.69
N ARG A 23 15.65 -11.82 17.01
CA ARG A 23 15.77 -12.97 17.93
C ARG A 23 14.48 -13.79 17.96
N VAL A 24 13.33 -13.11 17.88
CA VAL A 24 12.02 -13.73 17.66
C VAL A 24 11.49 -13.29 16.29
N PRO A 25 10.43 -13.95 15.76
CA PRO A 25 9.91 -13.56 14.44
C PRO A 25 9.50 -12.09 14.43
N ALA A 26 9.84 -11.40 13.35
CA ALA A 26 9.46 -10.01 13.17
C ALA A 26 8.42 -9.95 12.05
N ILE A 27 7.28 -9.34 12.37
CA ILE A 27 6.13 -9.30 11.46
C ILE A 27 5.67 -7.87 11.25
N ALA A 28 5.43 -7.51 9.98
CA ALA A 28 4.66 -6.32 9.68
C ALA A 28 3.36 -6.68 8.96
N VAL A 29 2.29 -6.02 9.41
CA VAL A 29 0.94 -6.23 8.90
C VAL A 29 0.52 -4.95 8.27
N CYS A 30 0.24 -5.02 6.97
CA CYS A 30 -0.23 -3.84 6.27
C CYS A 30 -1.74 -3.95 6.14
N LEU A 31 -2.45 -3.18 6.95
CA LEU A 31 -3.91 -3.13 6.90
C LEU A 31 -4.33 -2.12 5.84
N ASP A 32 -4.58 -2.63 4.62
CA ASP A 32 -4.83 -1.78 3.47
C ASP A 32 -5.98 -0.81 3.72
N GLY A 33 -5.73 0.48 3.52
CA GLY A 33 -6.77 1.51 3.63
C GLY A 33 -7.28 1.79 5.03
N CYS A 34 -6.48 1.39 6.02
CA CYS A 34 -6.85 1.54 7.42
C CYS A 34 -6.66 2.97 7.92
N GLU A 35 -7.60 3.84 7.56
CA GLU A 35 -7.77 5.13 8.22
C GLU A 35 -7.75 4.89 9.74
N PRO A 36 -6.92 5.64 10.49
CA PRO A 36 -6.80 5.38 11.93
C PRO A 36 -8.15 5.29 12.61
N ALA A 37 -9.13 6.08 12.15
CA ALA A 37 -10.46 6.11 12.74
C ALA A 37 -11.19 4.75 12.75
N TYR A 38 -10.88 3.88 11.78
CA TYR A 38 -11.42 2.51 11.81
C TYR A 38 -11.09 1.77 13.10
N LEU A 39 -9.82 1.87 13.51
CA LEU A 39 -9.35 1.18 14.72
C LEU A 39 -9.95 1.79 15.99
N ASP A 40 -9.97 3.12 16.08
CA ASP A 40 -10.57 3.81 17.22
C ASP A 40 -12.01 3.38 17.47
N ALA A 41 -12.79 3.29 16.40
CA ALA A 41 -14.22 2.93 16.48
C ALA A 41 -14.45 1.46 16.87
N ALA A 42 -13.67 0.55 16.27
CA ALA A 42 -13.78 -0.86 16.60
C ALA A 42 -13.30 -1.12 18.05
N ILE A 43 -12.20 -0.49 18.44
CA ILE A 43 -11.75 -0.53 19.84
C ILE A 43 -12.81 0.03 20.80
N ASP A 44 -13.36 1.20 20.47
CA ASP A 44 -14.40 1.81 21.30
C ASP A 44 -15.67 0.96 21.39
N ALA A 45 -15.96 0.19 20.34
CA ALA A 45 -17.12 -0.72 20.35
C ALA A 45 -16.87 -2.01 21.15
N GLY A 46 -15.69 -2.14 21.76
CA GLY A 46 -15.33 -3.35 22.52
C GLY A 46 -14.95 -4.57 21.68
N LEU A 47 -14.68 -4.34 20.39
CA LEU A 47 -14.45 -5.41 19.43
C LEU A 47 -13.00 -5.83 19.23
N MET A 48 -12.05 -5.07 19.81
CA MET A 48 -10.63 -5.35 19.60
C MET A 48 -9.85 -5.42 20.93
N PRO A 49 -10.20 -6.38 21.81
CA PRO A 49 -9.53 -6.43 23.10
C PRO A 49 -8.02 -6.64 23.02
N ALA A 50 -7.55 -7.39 22.02
CA ALA A 50 -6.11 -7.64 21.85
C ALA A 50 -5.34 -6.38 21.45
N LEU A 51 -5.83 -5.69 20.42
CA LEU A 51 -5.19 -4.43 19.99
C LEU A 51 -5.27 -3.36 21.08
N LYS A 52 -6.40 -3.28 21.78
CA LYS A 52 -6.56 -2.34 22.88
C LYS A 52 -5.48 -2.55 23.93
N ARG A 53 -5.28 -3.80 24.35
CA ARG A 53 -4.21 -4.15 25.31
C ARG A 53 -2.81 -3.92 24.73
N ILE A 54 -2.60 -4.33 23.49
CA ILE A 54 -1.31 -4.13 22.81
C ILE A 54 -0.92 -2.64 22.74
N LYS A 55 -1.91 -1.78 22.44
CA LYS A 55 -1.67 -0.33 22.41
C LYS A 55 -1.26 0.22 23.79
N GLU A 56 -1.96 -0.23 24.83
CA GLU A 56 -1.68 0.24 26.19
C GLU A 56 -0.26 -0.12 26.62
N ARG A 57 0.17 -1.32 26.26
CA ARG A 57 1.44 -1.89 26.78
C ARG A 57 2.61 -1.71 25.82
N GLY A 58 2.33 -1.25 24.60
CA GLY A 58 3.33 -1.21 23.55
C GLY A 58 3.69 0.20 23.11
N ALA A 59 3.73 0.43 21.81
CA ALA A 59 4.08 1.75 21.27
C ALA A 59 3.07 2.17 20.22
N VAL A 60 2.45 3.32 20.43
CA VAL A 60 1.38 3.81 19.57
C VAL A 60 1.83 5.08 18.86
N ARG A 61 1.77 5.06 17.53
CA ARG A 61 2.18 6.22 16.73
C ARG A 61 1.26 6.42 15.54
N LEU A 62 1.42 7.57 14.88
CA LEU A 62 0.92 7.76 13.53
C LEU A 62 2.14 7.91 12.65
N ALA A 63 2.07 7.37 11.44
CA ALA A 63 3.17 7.45 10.49
C ALA A 63 2.66 8.06 9.20
N HIS A 64 3.60 8.45 8.36
CA HIS A 64 3.28 8.98 7.03
C HIS A 64 3.59 7.96 5.95
N SER A 65 2.58 7.69 5.12
CA SER A 65 2.73 6.89 3.93
C SER A 65 3.55 7.64 2.87
N VAL A 66 3.79 6.99 1.75
CA VAL A 66 4.38 7.60 0.58
C VAL A 66 3.26 8.31 -0.18
N ILE A 67 3.61 9.38 -0.89
CA ILE A 67 2.69 10.03 -1.82
C ILE A 67 3.20 9.69 -3.22
N PRO A 68 2.34 9.13 -4.09
CA PRO A 68 0.90 8.93 -3.95
C PRO A 68 0.48 7.82 -2.98
N SER A 69 -0.55 8.12 -2.17
CA SER A 69 -1.03 7.17 -1.18
C SER A 69 -1.87 6.03 -1.79
N PHE A 70 -1.19 5.20 -2.59
CA PHE A 70 -1.79 4.00 -3.18
C PHE A 70 -0.99 2.76 -2.78
N ALA A 71 -1.57 1.58 -3.02
CA ALA A 71 -1.00 0.30 -2.58
C ALA A 71 0.37 -0.01 -3.16
N ASN A 72 0.55 0.11 -4.47
CA ASN A 72 1.80 -0.31 -5.08
C ASN A 72 3.04 0.44 -4.57
N PRO A 73 3.07 1.80 -4.67
CA PRO A 73 4.26 2.52 -4.13
C PRO A 73 4.47 2.24 -2.64
N ASN A 74 3.37 2.12 -1.89
CA ASN A 74 3.49 1.97 -0.45
C ASN A 74 3.88 0.57 0.01
N ASN A 75 3.26 -0.46 -0.54
CA ASN A 75 3.68 -1.84 -0.23
C ASN A 75 5.13 -2.07 -0.61
N LEU A 76 5.54 -1.56 -1.76
CA LEU A 76 6.93 -1.75 -2.15
C LEU A 76 7.91 -0.92 -1.33
N SER A 77 7.46 0.23 -0.81
CA SER A 77 8.28 1.00 0.12
C SER A 77 8.46 0.23 1.42
N ILE A 78 7.36 -0.31 1.95
CA ILE A 78 7.44 -1.15 3.16
C ILE A 78 8.38 -2.35 2.93
N ALA A 79 8.28 -3.00 1.77
CA ALA A 79 9.10 -4.17 1.47
C ALA A 79 10.60 -3.88 1.35
N THR A 80 10.95 -2.66 0.91
CA THR A 80 12.35 -2.31 0.69
C THR A 80 12.90 -1.36 1.77
N GLY A 81 12.00 -0.80 2.58
CA GLY A 81 12.37 0.21 3.59
C GLY A 81 12.82 1.54 2.98
N SER A 82 12.36 1.82 1.76
CA SER A 82 12.84 2.97 1.01
C SER A 82 11.70 3.59 0.19
N PRO A 83 11.81 4.90 -0.16
CA PRO A 83 10.73 5.48 -0.96
C PRO A 83 10.87 5.10 -2.46
N PRO A 84 9.86 5.46 -3.28
CA PRO A 84 9.84 5.10 -4.70
C PRO A 84 11.02 5.66 -5.50
N ALA A 85 11.60 6.79 -5.07
CA ALA A 85 12.85 7.28 -5.71
C ALA A 85 13.93 6.20 -5.68
N VAL A 86 13.88 5.34 -4.68
CA VAL A 86 14.85 4.23 -4.59
C VAL A 86 14.34 3.01 -5.35
N HIS A 87 13.15 2.51 -5.02
CA HIS A 87 12.73 1.22 -5.56
C HIS A 87 12.08 1.28 -6.96
N GLY A 88 11.52 2.42 -7.34
CA GLY A 88 11.04 2.61 -8.71
C GLY A 88 9.54 2.48 -8.95
N ILE A 89 8.81 1.94 -7.98
CA ILE A 89 7.38 1.67 -8.14
C ILE A 89 6.54 2.85 -7.65
N CYS A 90 6.02 3.68 -8.56
CA CYS A 90 5.25 4.84 -8.13
C CYS A 90 3.80 4.86 -8.62
N GLY A 91 3.34 3.73 -9.15
CA GLY A 91 1.97 3.57 -9.63
C GLY A 91 1.73 2.17 -10.19
N ASN A 92 0.58 1.96 -10.82
CA ASN A 92 0.25 0.65 -11.40
C ASN A 92 0.71 0.49 -12.84
N TYR A 93 0.95 1.61 -13.52
CA TYR A 93 1.47 1.59 -14.88
C TYR A 93 2.37 2.79 -15.21
N LEU A 94 3.37 2.53 -16.04
CA LEU A 94 4.26 3.56 -16.53
C LEU A 94 3.80 4.03 -17.92
N TYR A 95 4.08 5.30 -18.23
CA TYR A 95 3.72 5.85 -19.53
C TYR A 95 4.94 6.20 -20.38
N GLU A 96 5.04 5.56 -21.54
CA GLU A 96 6.06 5.88 -22.53
C GLU A 96 5.55 6.98 -23.48
N PRO A 97 6.11 8.20 -23.36
CA PRO A 97 5.61 9.33 -24.16
C PRO A 97 5.82 9.13 -25.66
N SER A 98 7.07 8.93 -26.07
CA SER A 98 7.43 8.80 -27.49
C SER A 98 7.03 7.44 -28.09
N THR A 99 5.84 6.97 -27.73
CA THR A 99 5.26 5.73 -28.23
C THR A 99 3.75 5.74 -27.98
N GLY A 100 3.34 6.38 -26.88
CA GLY A 100 1.95 6.39 -26.44
C GLY A 100 1.62 5.14 -25.64
N GLU A 101 2.66 4.41 -25.25
CA GLU A 101 2.51 3.13 -24.56
C GLU A 101 2.21 3.27 -23.06
N GLU A 102 1.18 2.55 -22.61
CA GLU A 102 0.89 2.40 -21.19
C GLU A 102 1.26 1.01 -20.72
N VAL A 103 2.54 0.83 -20.38
CA VAL A 103 3.07 -0.44 -19.91
C VAL A 103 2.74 -0.67 -18.43
N MET A 104 2.22 -1.86 -18.13
CA MET A 104 1.86 -2.25 -16.77
C MET A 104 3.08 -2.29 -15.85
N MET A 105 2.90 -1.81 -14.62
CA MET A 105 3.97 -1.83 -13.61
C MET A 105 3.57 -2.77 -12.47
N ASN A 106 3.51 -4.06 -12.80
CA ASN A 106 3.18 -5.12 -11.86
C ASN A 106 4.17 -6.26 -12.01
N ASP A 107 4.89 -6.26 -13.14
CA ASP A 107 6.02 -7.14 -13.34
C ASP A 107 7.13 -6.73 -12.37
N PRO A 108 7.86 -7.71 -11.81
CA PRO A 108 8.98 -7.41 -10.92
C PRO A 108 10.21 -6.79 -11.60
N LYS A 109 10.30 -6.91 -12.93
CA LYS A 109 11.42 -6.29 -13.66
C LYS A 109 11.52 -4.76 -13.43
N PHE A 110 10.41 -4.16 -13.01
CA PHE A 110 10.35 -2.70 -12.76
C PHE A 110 10.91 -2.27 -11.40
N LEU A 111 11.03 -3.22 -10.48
CA LEU A 111 11.61 -2.97 -9.16
C LEU A 111 13.13 -2.82 -9.27
N ARG A 112 13.68 -1.71 -8.76
CA ARG A 112 15.10 -1.39 -8.95
C ARG A 112 15.93 -1.45 -7.67
N ALA A 113 15.40 -2.03 -6.61
CA ALA A 113 16.14 -2.12 -5.35
C ALA A 113 15.73 -3.43 -4.68
N PRO A 114 16.67 -4.08 -3.94
CA PRO A 114 16.31 -5.33 -3.28
C PRO A 114 15.29 -5.12 -2.18
N THR A 115 14.44 -6.13 -1.96
CA THR A 115 13.56 -6.11 -0.80
C THR A 115 14.32 -6.54 0.46
N ILE A 116 13.80 -6.16 1.62
CA ILE A 116 14.27 -6.65 2.91
C ILE A 116 14.17 -8.18 2.93
N PHE A 117 13.16 -8.71 2.25
CA PHE A 117 12.91 -10.15 2.24
C PHE A 117 14.05 -10.90 1.59
N GLN A 118 14.45 -10.45 0.40
CA GLN A 118 15.60 -11.06 -0.28
C GLN A 118 16.87 -10.93 0.54
N ALA A 119 17.09 -9.74 1.11
CA ALA A 119 18.31 -9.47 1.85
C ALA A 119 18.47 -10.42 3.03
N PHE A 120 17.41 -10.55 3.82
CA PHE A 120 17.40 -11.56 4.91
C PHE A 120 17.47 -12.98 4.39
N TYR A 121 16.74 -13.29 3.32
CA TYR A 121 16.82 -14.62 2.71
C TYR A 121 18.26 -14.99 2.34
N ASP A 122 18.94 -14.07 1.64
CA ASP A 122 20.31 -14.30 1.19
C ASP A 122 21.27 -14.44 2.37
N ALA A 123 20.95 -13.80 3.49
CA ALA A 123 21.73 -13.92 4.72
C ALA A 123 21.39 -15.20 5.53
N GLY A 124 20.52 -16.05 4.97
CA GLY A 124 20.20 -17.34 5.57
C GLY A 124 18.89 -17.44 6.37
N ALA A 125 18.12 -16.34 6.42
CA ALA A 125 16.89 -16.32 7.19
C ALA A 125 15.74 -17.12 6.55
N ARG A 126 14.71 -17.37 7.37
CA ARG A 126 13.43 -17.88 6.93
C ARG A 126 12.47 -16.71 6.73
N VAL A 127 11.85 -16.63 5.56
CA VAL A 127 11.11 -15.42 5.20
C VAL A 127 9.77 -15.84 4.62
N ALA A 128 8.71 -15.10 4.98
CA ALA A 128 7.37 -15.36 4.48
C ALA A 128 6.65 -14.08 4.06
N VAL A 129 6.01 -14.14 2.89
CA VAL A 129 5.24 -13.03 2.34
C VAL A 129 3.88 -13.55 1.90
N VAL A 130 2.82 -12.96 2.45
CA VAL A 130 1.47 -13.32 2.05
C VAL A 130 0.70 -12.05 1.70
N THR A 131 0.21 -12.01 0.45
CA THR A 131 -0.60 -10.91 -0.05
C THR A 131 -2.03 -11.39 -0.31
N ALA A 132 -3.01 -10.49 -0.31
CA ALA A 132 -4.38 -10.83 -0.68
C ALA A 132 -4.50 -10.93 -2.21
N LYS A 133 -4.06 -9.88 -2.91
CA LYS A 133 -4.10 -9.88 -4.37
C LYS A 133 -2.82 -10.42 -4.97
N ASP A 134 -2.93 -11.13 -6.09
CA ASP A 134 -1.76 -11.79 -6.68
C ASP A 134 -0.79 -10.84 -7.42
N LYS A 135 -1.27 -9.68 -7.86
CA LYS A 135 -0.42 -8.75 -8.61
C LYS A 135 0.79 -8.31 -7.79
N LEU A 136 0.53 -7.95 -6.53
CA LEU A 136 1.55 -7.57 -5.57
C LEU A 136 2.51 -8.72 -5.24
N ARG A 137 2.02 -9.96 -5.32
CA ARG A 137 2.80 -11.17 -4.97
C ARG A 137 4.15 -11.25 -5.71
N ALA A 138 4.12 -11.22 -7.05
CA ALA A 138 5.35 -11.30 -7.84
C ALA A 138 6.34 -10.17 -7.51
N LEU A 139 5.85 -8.94 -7.38
CA LEU A 139 6.73 -7.82 -7.02
C LEU A 139 7.40 -8.04 -5.65
N LEU A 140 6.58 -8.41 -4.67
CA LEU A 140 7.04 -8.55 -3.30
C LEU A 140 7.96 -9.76 -3.12
N GLY A 141 7.78 -10.74 -4.01
CA GLY A 141 8.51 -11.98 -3.97
C GLY A 141 9.84 -11.96 -4.70
N LYS A 142 10.17 -10.83 -5.33
CA LYS A 142 11.38 -10.75 -6.18
C LYS A 142 12.64 -11.14 -5.42
N GLY A 143 13.41 -12.07 -5.99
CA GLY A 143 14.71 -12.46 -5.41
C GLY A 143 14.63 -13.59 -4.40
N LEU A 144 13.43 -13.99 -4.04
CA LEU A 144 13.27 -15.13 -3.14
C LEU A 144 13.48 -16.43 -3.90
N ARG A 145 13.99 -17.45 -3.22
CA ARG A 145 14.19 -18.78 -3.81
C ARG A 145 13.49 -19.84 -2.97
N PHE A 146 13.12 -20.94 -3.62
CA PHE A 146 12.24 -21.92 -3.01
C PHE A 146 12.80 -23.36 -3.00
N ASP A 147 14.13 -23.45 -3.02
CA ASP A 147 14.81 -24.73 -3.11
C ASP A 147 15.47 -25.18 -1.80
N GLU A 148 15.31 -24.38 -0.75
CA GLU A 148 15.88 -24.70 0.56
C GLU A 148 14.87 -24.73 1.71
N GLY A 149 13.59 -24.60 1.37
CA GLY A 149 12.53 -24.58 2.38
C GLY A 149 12.61 -23.41 3.35
N ARG A 150 13.22 -22.30 2.90
CA ARG A 150 13.40 -21.10 3.73
C ARG A 150 12.57 -19.90 3.29
N ALA A 151 11.72 -20.08 2.27
CA ALA A 151 10.84 -18.98 1.82
C ALA A 151 9.45 -19.45 1.43
N VAL A 152 8.46 -18.63 1.75
CA VAL A 152 7.08 -18.87 1.32
C VAL A 152 6.57 -17.51 0.81
N CYS A 153 5.94 -17.52 -0.37
CA CYS A 153 5.35 -16.30 -0.93
C CYS A 153 4.16 -16.63 -1.83
N PHE A 154 2.96 -16.25 -1.41
CA PHE A 154 1.74 -16.52 -2.19
C PHE A 154 0.65 -15.49 -1.91
N SER A 155 -0.41 -15.50 -2.71
CA SER A 155 -1.56 -14.65 -2.45
C SER A 155 -2.76 -15.50 -2.07
N SER A 156 -3.70 -14.91 -1.34
CA SER A 156 -5.03 -15.50 -1.12
CA SER A 156 -4.97 -15.58 -1.13
C SER A 156 -5.71 -15.73 -2.47
N GLU A 157 -5.65 -14.72 -3.32
CA GLU A 157 -6.30 -14.77 -4.65
C GLU A 157 -5.92 -16.02 -5.45
N LYS A 158 -4.63 -16.36 -5.45
CA LYS A 158 -4.16 -17.51 -6.19
C LYS A 158 -3.57 -18.59 -5.30
N SER A 159 -4.11 -18.73 -4.09
CA SER A 159 -3.60 -19.70 -3.11
C SER A 159 -3.61 -21.12 -3.64
N ASP A 160 -4.63 -21.46 -4.42
CA ASP A 160 -4.74 -22.80 -4.96
C ASP A 160 -3.76 -23.12 -6.09
N LYS A 161 -3.12 -22.08 -6.63
CA LYS A 161 -2.11 -22.25 -7.69
C LYS A 161 -0.68 -22.34 -7.15
N ALA A 162 -0.51 -22.16 -5.84
CA ALA A 162 0.85 -22.15 -5.25
C ALA A 162 1.52 -23.51 -5.41
N THR A 163 2.79 -23.48 -5.80
CA THR A 163 3.60 -24.71 -5.90
C THR A 163 4.88 -24.57 -5.09
N ARG A 164 5.43 -25.71 -4.66
CA ARG A 164 6.68 -25.70 -3.88
C ARG A 164 7.77 -24.91 -4.62
N ALA A 165 7.90 -25.20 -5.91
CA ALA A 165 9.01 -24.67 -6.70
C ALA A 165 8.93 -23.16 -6.96
N GLU A 166 7.72 -22.62 -6.93
CA GLU A 166 7.54 -21.21 -7.27
C GLU A 166 6.98 -20.31 -6.16
N HIS A 167 6.50 -20.94 -5.09
CA HIS A 167 5.87 -20.24 -3.96
C HIS A 167 6.32 -20.80 -2.59
N GLY A 168 7.00 -21.95 -2.59
CA GLY A 168 7.48 -22.57 -1.35
C GLY A 168 6.42 -23.37 -0.62
N ILE A 169 5.27 -23.53 -1.25
CA ILE A 169 4.16 -24.26 -0.66
C ILE A 169 3.28 -24.87 -1.75
N ASP A 170 2.84 -26.11 -1.55
CA ASP A 170 1.97 -26.81 -2.53
C ASP A 170 0.49 -26.61 -2.18
N ASN A 171 -0.17 -25.72 -2.92
CA ASN A 171 -1.59 -25.36 -2.75
C ASN A 171 -1.89 -24.80 -1.34
N ALA A 172 -1.67 -23.50 -1.15
CA ALA A 172 -1.91 -22.84 0.14
C ALA A 172 -3.37 -22.94 0.60
N SER A 173 -4.31 -23.02 -0.35
CA SER A 173 -5.72 -23.25 -0.02
C SER A 173 -5.96 -24.61 0.65
N ALA A 174 -5.48 -25.69 0.04
CA ALA A 174 -5.57 -27.02 0.64
C ALA A 174 -4.78 -27.09 1.95
N TRP A 175 -3.61 -26.46 1.96
CA TRP A 175 -2.77 -26.42 3.16
C TRP A 175 -3.45 -25.73 4.35
N LEU A 176 -4.06 -24.58 4.11
CA LEU A 176 -4.73 -23.82 5.17
C LEU A 176 -6.08 -24.44 5.55
N GLY A 177 -6.72 -25.13 4.60
CA GLY A 177 -8.02 -25.75 4.83
C GLY A 177 -9.16 -24.78 4.62
N ARG A 178 -8.95 -23.78 3.76
CA ARG A 178 -9.98 -22.79 3.45
C ARG A 178 -10.07 -22.61 1.96
N PRO A 179 -11.29 -22.39 1.45
CA PRO A 179 -11.50 -22.16 0.02
C PRO A 179 -10.84 -20.86 -0.44
N VAL A 180 -10.54 -20.78 -1.75
CA VAL A 180 -10.04 -19.55 -2.35
C VAL A 180 -11.14 -18.50 -2.19
N PRO A 181 -10.83 -17.36 -1.56
CA PRO A 181 -11.90 -16.39 -1.40
C PRO A 181 -12.21 -15.59 -2.67
N GLU A 182 -13.39 -15.00 -2.69
CA GLU A 182 -13.77 -13.98 -3.68
C GLU A 182 -12.80 -12.82 -3.58
N VAL A 183 -12.34 -12.31 -4.72
CA VAL A 183 -11.45 -11.12 -4.76
C VAL A 183 -12.09 -9.93 -4.04
N TYR A 184 -13.36 -9.67 -4.36
CA TYR A 184 -14.10 -8.57 -3.74
C TYR A 184 -14.83 -9.04 -2.49
N SER A 185 -14.07 -9.19 -1.39
CA SER A 185 -14.60 -9.66 -0.11
C SER A 185 -13.61 -9.36 1.00
N ALA A 186 -14.14 -9.23 2.24
CA ALA A 186 -13.32 -9.25 3.45
C ALA A 186 -12.58 -10.56 3.58
N ALA A 187 -13.17 -11.64 3.08
CA ALA A 187 -12.55 -12.97 3.18
C ALA A 187 -11.18 -13.08 2.51
N LEU A 188 -10.96 -12.31 1.43
CA LEU A 188 -9.67 -12.32 0.76
C LEU A 188 -8.58 -11.87 1.74
N SER A 189 -8.90 -10.89 2.58
CA SER A 189 -8.00 -10.46 3.65
C SER A 189 -7.93 -11.42 4.83
N GLU A 190 -9.07 -11.95 5.25
CA GLU A 190 -9.04 -12.91 6.37
C GLU A 190 -8.10 -14.09 6.12
N PHE A 191 -8.11 -14.60 4.88
CA PHE A 191 -7.25 -15.71 4.48
C PHE A 191 -5.76 -15.36 4.72
N VAL A 192 -5.37 -14.11 4.47
CA VAL A 192 -3.99 -13.64 4.72
C VAL A 192 -3.64 -13.77 6.21
N PHE A 193 -4.51 -13.25 7.07
CA PHE A 193 -4.30 -13.35 8.52
C PHE A 193 -4.19 -14.79 9.00
N ALA A 194 -5.09 -15.66 8.53
CA ALA A 194 -5.08 -17.06 8.91
C ALA A 194 -3.83 -17.80 8.40
N ALA A 195 -3.43 -17.51 7.16
CA ALA A 195 -2.17 -18.05 6.64
C ALA A 195 -0.99 -17.59 7.50
N GLY A 196 -1.02 -16.32 7.90
CA GLY A 196 0.03 -15.73 8.74
C GLY A 196 0.21 -16.44 10.07
N VAL A 197 -0.88 -16.70 10.78
CA VAL A 197 -0.85 -17.47 12.03
C VAL A 197 -0.29 -18.87 11.79
N LYS A 198 -0.78 -19.55 10.76
CA LYS A 198 -0.36 -20.93 10.51
C LYS A 198 1.13 -20.95 10.13
N LEU A 199 1.56 -20.01 9.31
CA LEU A 199 3.02 -19.91 9.03
C LEU A 199 3.86 -19.62 10.26
N LEU A 200 3.39 -18.70 11.10
CA LEU A 200 4.10 -18.38 12.34
C LEU A 200 4.31 -19.64 13.18
N ARG A 201 3.25 -20.45 13.35
CA ARG A 201 3.35 -21.69 14.14
C ARG A 201 4.20 -22.75 13.48
N GLU A 202 3.96 -23.01 12.19
CA GLU A 202 4.51 -24.19 11.54
C GLU A 202 5.79 -23.96 10.76
N PHE A 203 5.95 -22.76 10.24
CA PHE A 203 7.08 -22.42 9.36
C PHE A 203 8.16 -21.65 10.12
N ARG A 204 7.73 -20.87 11.12
CA ARG A 204 8.61 -20.08 11.99
C ARG A 204 9.56 -19.14 11.22
N PRO A 205 8.98 -18.17 10.48
CA PRO A 205 9.80 -17.22 9.75
C PRO A 205 10.54 -16.25 10.68
N ASP A 206 11.72 -15.81 10.27
CA ASP A 206 12.41 -14.71 10.94
C ASP A 206 11.74 -13.38 10.60
N ILE A 207 11.29 -13.29 9.34
CA ILE A 207 10.66 -12.08 8.79
C ILE A 207 9.38 -12.50 8.06
N MET A 208 8.29 -11.81 8.36
CA MET A 208 7.04 -12.10 7.65
C MET A 208 6.29 -10.84 7.37
N TYR A 209 5.77 -10.72 6.13
CA TYR A 209 4.93 -9.62 5.72
C TYR A 209 3.53 -10.12 5.37
N LEU A 210 2.52 -9.46 5.94
CA LEU A 210 1.12 -9.76 5.65
C LEU A 210 0.43 -8.52 5.14
N THR A 211 -0.12 -8.58 3.92
CA THR A 211 -0.76 -7.41 3.35
C THR A 211 -2.14 -7.75 2.76
N THR A 212 -3.10 -6.84 2.95
CA THR A 212 -4.51 -7.13 2.67
C THR A 212 -5.01 -6.26 1.53
N THR A 213 -6.33 -6.23 1.29
CA THR A 213 -6.87 -5.22 0.35
C THR A 213 -7.88 -4.33 1.05
N ASP A 214 -8.20 -3.20 0.44
CA ASP A 214 -9.11 -2.24 1.06
C ASP A 214 -10.56 -2.27 0.49
N TYR A 215 -10.97 -3.45 0.04
CA TYR A 215 -12.35 -3.67 -0.41
C TYR A 215 -13.40 -3.16 0.59
N VAL A 216 -13.28 -3.58 1.85
CA VAL A 216 -14.24 -3.17 2.90
C VAL A 216 -14.19 -1.65 3.16
N GLN A 217 -12.99 -1.09 3.16
CA GLN A 217 -12.79 0.31 3.48
C GLN A 217 -13.28 1.29 2.40
N HIS A 218 -13.18 0.88 1.13
CA HIS A 218 -13.73 1.68 0.01
C HIS A 218 -15.28 1.71 0.07
N LYS A 219 -15.86 0.67 0.65
CA LYS A 219 -17.33 0.54 0.76
C LYS A 219 -17.94 1.11 2.03
N TYR A 220 -17.23 0.99 3.15
CA TYR A 220 -17.80 1.30 4.47
C TYR A 220 -16.94 2.24 5.30
N ALA A 221 -17.59 3.24 5.89
CA ALA A 221 -16.97 4.22 6.77
C ALA A 221 -16.62 3.59 8.12
N PRO A 222 -15.69 4.21 8.87
CA PRO A 222 -15.36 3.82 10.23
C PRO A 222 -16.60 3.71 11.12
N GLY A 223 -16.69 2.62 11.88
CA GLY A 223 -17.74 2.49 12.89
C GLY A 223 -19.06 1.91 12.42
N VAL A 224 -19.23 1.71 11.11
CA VAL A 224 -20.44 1.06 10.63
C VAL A 224 -20.30 -0.47 10.81
N PRO A 225 -21.43 -1.21 10.86
CA PRO A 225 -21.33 -2.62 11.25
C PRO A 225 -20.32 -3.45 10.43
N GLU A 226 -20.29 -3.28 9.11
CA GLU A 226 -19.45 -4.09 8.22
C GLU A 226 -17.96 -3.76 8.39
N ALA A 227 -17.65 -2.49 8.63
CA ALA A 227 -16.28 -2.07 8.93
C ALA A 227 -15.84 -2.63 10.28
N ASN A 228 -16.67 -2.44 11.31
CA ASN A 228 -16.39 -2.99 12.64
C ASN A 228 -16.13 -4.50 12.66
N SER A 229 -16.96 -5.25 11.93
CA SER A 229 -16.80 -6.71 11.81
C SER A 229 -15.44 -7.12 11.22
N PHE A 230 -15.00 -6.41 10.18
CA PHE A 230 -13.67 -6.66 9.60
C PHE A 230 -12.57 -6.52 10.67
N TYR A 231 -12.60 -5.43 11.41
CA TYR A 231 -11.58 -5.20 12.43
C TYR A 231 -11.70 -6.11 13.64
N GLU A 232 -12.92 -6.47 13.99
CA GLU A 232 -13.14 -7.49 15.02
C GLU A 232 -12.46 -8.80 14.59
N MET A 233 -12.65 -9.17 13.33
CA MET A 233 -12.03 -10.35 12.73
C MET A 233 -10.49 -10.26 12.76
N PHE A 234 -9.92 -9.12 12.34
CA PHE A 234 -8.47 -8.95 12.38
C PHE A 234 -7.91 -9.15 13.80
N ASP A 235 -8.60 -8.58 14.78
CA ASP A 235 -8.15 -8.63 16.16
C ASP A 235 -7.91 -10.03 16.70
N ARG A 236 -8.76 -10.98 16.30
CA ARG A 236 -8.59 -12.39 16.68
C ARG A 236 -7.28 -12.98 16.17
N TYR A 237 -6.90 -12.64 14.94
CA TYR A 237 -5.63 -13.13 14.40
C TYR A 237 -4.44 -12.40 15.01
N LEU A 238 -4.61 -11.09 15.25
CA LEU A 238 -3.59 -10.32 15.93
C LEU A 238 -3.32 -10.93 17.33
N ALA A 239 -4.39 -11.25 18.07
CA ALA A 239 -4.24 -11.88 19.39
C ALA A 239 -3.36 -13.13 19.30
N GLU A 240 -3.57 -13.91 18.24
CA GLU A 240 -2.85 -15.19 18.08
C GLU A 240 -1.39 -14.99 17.74
N LEU A 241 -1.11 -14.06 16.82
CA LEU A 241 0.27 -13.71 16.44
C LEU A 241 1.04 -13.16 17.64
N ASP A 242 0.39 -12.29 18.40
CA ASP A 242 0.99 -11.72 19.60
C ASP A 242 1.28 -12.78 20.66
N GLY A 243 0.34 -13.71 20.84
CA GLY A 243 0.44 -14.76 21.88
C GLY A 243 1.49 -15.79 21.54
N LEU A 244 1.76 -15.94 20.25
CA LEU A 244 2.86 -16.78 19.77
C LEU A 244 4.25 -16.14 19.93
N GLY A 245 4.30 -14.88 20.39
CA GLY A 245 5.60 -14.29 20.79
C GLY A 245 6.34 -13.50 19.71
N ALA A 246 5.70 -13.26 18.56
CA ALA A 246 6.33 -12.45 17.52
C ALA A 246 6.34 -10.97 17.90
N ALA A 247 7.34 -10.24 17.41
CA ALA A 247 7.31 -8.78 17.47
C ALA A 247 6.54 -8.27 16.24
N ILE A 248 5.58 -7.39 16.46
CA ILE A 248 4.63 -7.02 15.41
C ILE A 248 4.48 -5.51 15.28
N VAL A 249 4.58 -5.03 14.03
CA VAL A 249 4.15 -3.69 13.68
C VAL A 249 2.88 -3.76 12.85
N VAL A 250 1.86 -3.01 13.27
CA VAL A 250 0.64 -2.89 12.49
C VAL A 250 0.64 -1.52 11.86
N THR A 251 0.58 -1.48 10.53
CA THR A 251 0.49 -0.22 9.82
C THR A 251 -0.48 -0.30 8.62
N ALA A 252 -0.40 0.65 7.69
CA ALA A 252 -1.25 0.66 6.50
C ALA A 252 -0.50 1.26 5.32
N ASP A 253 -0.92 0.92 4.10
CA ASP A 253 -0.37 1.56 2.91
C ASP A 253 -0.87 3.01 2.69
N HIS A 254 -2.03 3.32 3.25
CA HIS A 254 -2.69 4.63 3.11
C HIS A 254 -3.97 4.59 3.93
N GLY A 255 -4.55 5.76 4.18
CA GLY A 255 -5.83 5.84 4.85
C GLY A 255 -6.95 5.90 3.83
N MET A 256 -8.06 6.52 4.23
CA MET A 256 -9.29 6.45 3.44
C MET A 256 -10.20 7.58 3.87
N LYS A 257 -10.74 8.32 2.88
CA LYS A 257 -11.63 9.46 3.13
C LYS A 257 -12.84 9.44 2.18
N PRO A 258 -13.99 10.02 2.61
CA PRO A 258 -15.14 10.11 1.69
C PRO A 258 -14.85 11.14 0.61
N LYS A 259 -15.17 10.81 -0.64
CA LYS A 259 -14.87 11.68 -1.79
C LYS A 259 -16.13 12.03 -2.59
N HIS A 260 -17.17 12.48 -1.90
CA HIS A 260 -18.47 12.63 -2.55
C HIS A 260 -19.23 13.88 -2.13
N LYS A 261 -19.96 14.46 -3.09
CA LYS A 261 -20.87 15.56 -2.83
C LYS A 261 -22.03 15.12 -1.94
N ALA A 262 -22.80 16.08 -1.45
CA ALA A 262 -23.94 15.84 -0.55
C ALA A 262 -24.98 14.85 -1.10
N ASP A 263 -25.19 14.84 -2.42
CA ASP A 263 -26.15 13.91 -3.03
C ASP A 263 -25.62 12.47 -3.12
N GLY A 264 -24.35 12.27 -2.75
CA GLY A 264 -23.73 10.95 -2.71
C GLY A 264 -23.04 10.54 -4.00
N SER A 265 -22.82 11.53 -4.87
CA SER A 265 -22.16 11.28 -6.16
C SER A 265 -20.73 11.80 -6.14
N PRO A 266 -19.85 11.22 -6.99
CA PRO A 266 -18.43 11.57 -6.99
C PRO A 266 -18.17 13.03 -7.33
N ASP A 267 -17.31 13.67 -6.54
CA ASP A 267 -16.88 15.04 -6.80
C ASP A 267 -15.52 14.97 -7.51
N VAL A 268 -15.54 15.13 -8.82
CA VAL A 268 -14.37 14.88 -9.67
C VAL A 268 -13.94 16.10 -10.47
N ILE A 269 -12.63 16.36 -10.48
CA ILE A 269 -12.02 17.34 -11.38
C ILE A 269 -11.40 16.57 -12.55
N TYR A 270 -11.87 16.86 -13.76
CA TYR A 270 -11.40 16.15 -14.96
C TYR A 270 -10.25 16.91 -15.61
N VAL A 271 -9.04 16.43 -15.35
CA VAL A 271 -7.80 17.12 -15.71
C VAL A 271 -7.51 17.08 -17.22
N GLN A 272 -7.93 16.00 -17.88
CA GLN A 272 -7.70 15.87 -19.32
C GLN A 272 -8.47 16.96 -20.07
N ASP A 273 -9.74 17.13 -19.71
CA ASP A 273 -10.60 18.17 -20.29
C ASP A 273 -9.98 19.56 -20.17
N LEU A 274 -9.45 19.85 -18.99
CA LEU A 274 -8.83 21.14 -18.69
C LEU A 274 -7.60 21.42 -19.54
N LEU A 275 -6.80 20.38 -19.76
CA LEU A 275 -5.61 20.48 -20.61
C LEU A 275 -5.98 20.47 -22.11
N ASP A 276 -6.96 19.64 -22.47
CA ASP A 276 -7.51 19.60 -23.83
C ASP A 276 -8.04 20.98 -24.26
N GLU A 277 -8.61 21.70 -23.29
CA GLU A 277 -9.18 23.01 -23.54
C GLU A 277 -8.09 24.09 -23.65
N TRP A 278 -7.03 23.96 -22.86
CA TRP A 278 -5.97 24.99 -22.82
C TRP A 278 -4.86 24.79 -23.85
N LEU A 279 -4.60 23.54 -24.23
CA LEU A 279 -3.44 23.19 -25.05
C LEU A 279 -3.80 22.45 -26.34
N GLY A 280 -5.07 22.08 -26.48
CA GLY A 280 -5.54 21.29 -27.61
C GLY A 280 -5.77 19.85 -27.19
N LYS A 281 -6.73 19.18 -27.83
CA LYS A 281 -7.07 17.80 -27.52
C LYS A 281 -5.86 16.85 -27.65
N ASP A 282 -5.63 16.07 -26.59
CA ASP A 282 -4.55 15.07 -26.49
C ASP A 282 -3.11 15.58 -26.63
N ALA A 283 -2.92 16.90 -26.63
CA ALA A 283 -1.59 17.49 -26.61
C ALA A 283 -0.84 17.10 -25.33
N ALA A 284 -1.59 17.00 -24.24
CA ALA A 284 -1.07 16.53 -22.95
C ALA A 284 -1.70 15.18 -22.59
N ARG A 285 -1.00 14.42 -21.76
CA ARG A 285 -1.52 13.14 -21.27
C ARG A 285 -1.58 13.11 -19.74
N VAL A 286 -2.79 12.93 -19.22
CA VAL A 286 -3.02 12.80 -17.77
C VAL A 286 -2.99 11.32 -17.36
N ILE A 287 -2.19 11.01 -16.35
CA ILE A 287 -2.05 9.64 -15.85
C ILE A 287 -2.62 9.48 -14.42
N LEU A 288 -3.47 8.48 -14.24
CA LEU A 288 -4.05 8.14 -12.94
C LEU A 288 -3.49 6.80 -12.43
N PRO A 289 -2.51 6.87 -11.51
CA PRO A 289 -1.76 5.70 -11.05
C PRO A 289 -2.56 4.63 -10.29
N ILE A 290 -3.78 4.97 -9.84
CA ILE A 290 -4.61 4.03 -9.05
C ILE A 290 -5.04 2.79 -9.84
N THR A 291 -5.18 2.94 -11.15
CA THR A 291 -5.84 1.95 -11.98
C THR A 291 -4.90 1.30 -13.00
N ASP A 292 -5.41 0.29 -13.71
CA ASP A 292 -4.93 -0.06 -15.03
C ASP A 292 -5.91 0.61 -16.00
N PRO A 293 -5.38 1.43 -16.94
CA PRO A 293 -6.14 2.42 -17.72
C PRO A 293 -7.33 1.92 -18.56
N TYR A 294 -7.36 0.63 -18.85
CA TYR A 294 -8.40 0.02 -19.71
C TYR A 294 -9.63 -0.49 -18.92
N VAL A 295 -9.84 0.04 -17.73
CA VAL A 295 -10.91 -0.40 -16.83
C VAL A 295 -12.00 0.68 -16.68
N VAL A 296 -13.25 0.32 -16.92
CA VAL A 296 -14.39 1.25 -16.83
C VAL A 296 -15.26 1.02 -15.58
N HIS A 297 -14.62 1.06 -14.41
CA HIS A 297 -15.31 1.04 -13.11
C HIS A 297 -14.65 2.00 -12.12
N HIS A 298 -15.46 2.63 -11.25
CA HIS A 298 -14.99 3.76 -10.41
C HIS A 298 -13.93 3.45 -9.34
N GLY A 299 -13.43 2.21 -9.32
CA GLY A 299 -12.20 1.87 -8.60
C GLY A 299 -10.99 2.50 -9.30
N ALA A 300 -11.28 3.43 -10.22
CA ALA A 300 -10.26 4.16 -10.96
C ALA A 300 -10.26 5.66 -10.64
N LEU A 301 -10.85 6.02 -9.50
CA LEU A 301 -10.86 7.42 -9.04
C LEU A 301 -10.07 7.64 -7.74
N GLY A 302 -9.00 8.42 -7.83
CA GLY A 302 -8.15 8.77 -6.71
C GLY A 302 -7.75 10.23 -6.70
N SER A 303 -6.99 10.62 -5.69
CA SER A 303 -6.69 12.02 -5.42
C SER A 303 -5.30 12.46 -5.85
N PHE A 304 -4.67 11.70 -6.72
CA PHE A 304 -3.32 12.02 -7.21
C PHE A 304 -3.30 11.82 -8.72
N ALA A 305 -2.65 12.74 -9.42
CA ALA A 305 -2.50 12.64 -10.87
C ALA A 305 -1.20 13.24 -11.31
N THR A 306 -0.68 12.73 -12.43
CA THR A 306 0.48 13.32 -13.05
C THR A 306 0.19 13.58 -14.54
N ALA A 307 0.86 14.59 -15.11
CA ALA A 307 0.58 14.95 -16.50
C ALA A 307 1.83 15.16 -17.31
N TYR A 308 1.83 14.55 -18.49
CA TYR A 308 2.89 14.72 -19.47
C TYR A 308 2.45 15.79 -20.47
N LEU A 309 3.22 16.87 -20.56
CA LEU A 309 2.85 18.07 -21.32
C LEU A 309 3.59 18.18 -22.66
N PRO A 310 2.98 18.87 -23.66
CA PRO A 310 3.64 19.06 -24.97
C PRO A 310 4.96 19.82 -24.85
N ASP A 311 5.95 19.44 -25.65
CA ASP A 311 7.27 20.06 -25.59
C ASP A 311 7.18 21.56 -25.91
N GLY A 312 7.89 22.36 -25.13
CA GLY A 312 7.94 23.81 -25.35
C GLY A 312 6.91 24.64 -24.60
N CYS A 313 5.77 24.02 -24.25
CA CYS A 313 4.68 24.76 -23.60
C CYS A 313 5.10 25.39 -22.26
N ASP A 314 4.34 26.39 -21.82
CA ASP A 314 4.65 27.10 -20.59
C ASP A 314 4.14 26.33 -19.36
N ARG A 315 5.04 25.54 -18.75
CA ARG A 315 4.69 24.75 -17.56
C ARG A 315 4.17 25.66 -16.45
N SER A 316 5.00 26.62 -16.06
CA SER A 316 4.72 27.54 -14.96
C SER A 316 3.33 28.18 -15.06
N GLU A 317 2.91 28.49 -16.29
CA GLU A 317 1.56 29.02 -16.54
C GLU A 317 0.46 27.99 -16.30
N ILE A 318 0.65 26.79 -16.86
CA ILE A 318 -0.31 25.69 -16.72
C ILE A 318 -0.56 25.29 -15.25
N MET A 319 0.50 25.36 -14.44
CA MET A 319 0.41 25.08 -13.00
C MET A 319 -0.42 26.13 -12.27
N ALA A 320 -0.27 27.39 -12.67
CA ALA A 320 -1.00 28.49 -12.05
C ALA A 320 -2.49 28.33 -12.27
N ARG A 321 -2.89 27.96 -13.49
CA ARG A 321 -4.30 27.74 -13.82
C ARG A 321 -4.90 26.57 -13.05
N LEU A 322 -4.14 25.49 -12.89
CA LEU A 322 -4.60 24.32 -12.13
C LEU A 322 -4.73 24.61 -10.64
N LYS A 323 -3.77 25.35 -10.09
CA LYS A 323 -3.74 25.70 -8.68
C LYS A 323 -4.89 26.65 -8.31
N ALA A 324 -5.31 27.46 -9.28
CA ALA A 324 -6.40 28.41 -9.09
C ALA A 324 -7.79 27.75 -9.02
N ILE A 325 -7.83 26.44 -9.26
CA ILE A 325 -9.09 25.69 -9.21
C ILE A 325 -9.33 25.15 -7.79
N GLN A 326 -10.55 25.34 -7.29
CA GLN A 326 -10.92 24.85 -5.97
C GLN A 326 -11.03 23.33 -5.98
N GLY A 327 -10.40 22.70 -4.98
CA GLY A 327 -10.30 21.25 -4.93
C GLY A 327 -8.97 20.72 -5.40
N VAL A 328 -8.18 21.57 -6.06
CA VAL A 328 -6.80 21.23 -6.43
C VAL A 328 -5.84 21.88 -5.42
N ASP A 329 -5.33 21.06 -4.50
CA ASP A 329 -4.53 21.55 -3.39
C ASP A 329 -3.07 21.78 -3.70
N VAL A 330 -2.47 20.86 -4.46
CA VAL A 330 -1.04 20.89 -4.73
C VAL A 330 -0.78 20.71 -6.22
N VAL A 331 0.06 21.58 -6.77
CA VAL A 331 0.54 21.48 -8.15
C VAL A 331 2.04 21.76 -8.14
N LEU A 332 2.83 20.83 -8.69
CA LEU A 332 4.28 20.89 -8.60
C LEU A 332 4.92 20.41 -9.89
N GLY A 333 6.06 21.02 -10.25
CA GLY A 333 6.84 20.54 -11.40
C GLY A 333 7.50 19.23 -11.06
N ARG A 334 7.92 18.49 -12.08
CA ARG A 334 8.58 17.18 -11.90
C ARG A 334 9.68 17.22 -10.84
N GLU A 335 10.60 18.17 -10.99
CA GLU A 335 11.78 18.27 -10.15
C GLU A 335 11.42 18.45 -8.68
N GLU A 336 10.46 19.35 -8.43
CA GLU A 336 10.03 19.68 -7.09
C GLU A 336 9.18 18.56 -6.49
N ALA A 337 8.28 18.00 -7.30
CA ALA A 337 7.45 16.89 -6.86
C ALA A 337 8.29 15.69 -6.46
N CYS A 338 9.30 15.37 -7.28
CA CYS A 338 10.18 14.25 -7.00
C CYS A 338 11.01 14.46 -5.75
N ARG A 339 11.54 15.67 -5.56
CA ARG A 339 12.28 15.99 -4.33
C ARG A 339 11.37 15.86 -3.11
N ARG A 340 10.22 16.50 -3.15
CA ARG A 340 9.34 16.57 -2.00
C ARG A 340 8.75 15.19 -1.64
N PHE A 341 8.22 14.49 -2.63
CA PHE A 341 7.55 13.19 -2.40
C PHE A 341 8.49 11.98 -2.49
N GLU A 342 9.74 12.23 -2.88
CA GLU A 342 10.75 11.19 -3.00
C GLU A 342 10.33 10.17 -4.06
N LEU A 343 10.16 10.67 -5.28
CA LEU A 343 9.73 9.89 -6.44
C LEU A 343 10.81 9.92 -7.54
N PRO A 344 10.83 8.92 -8.44
CA PRO A 344 11.81 8.85 -9.52
C PRO A 344 11.43 9.73 -10.71
N GLU A 345 12.32 10.65 -11.10
CA GLU A 345 12.02 11.63 -12.15
C GLU A 345 11.69 10.99 -13.49
N ASP A 346 12.30 9.84 -13.76
CA ASP A 346 12.10 9.12 -15.03
C ASP A 346 10.77 8.34 -15.11
N ARG A 347 9.99 8.32 -14.02
CA ARG A 347 8.70 7.64 -14.06
C ARG A 347 7.51 8.51 -13.66
N ILE A 348 7.68 9.82 -13.82
CA ILE A 348 6.67 10.82 -13.43
C ILE A 348 6.46 11.81 -14.57
N GLY A 349 5.28 12.43 -14.62
CA GLY A 349 4.97 13.45 -15.63
C GLY A 349 5.67 14.77 -15.38
N ASP A 350 5.46 15.72 -16.28
CA ASP A 350 6.02 17.07 -16.17
C ASP A 350 5.47 17.82 -14.96
N ILE A 351 4.22 17.53 -14.62
CA ILE A 351 3.56 18.14 -13.47
C ILE A 351 2.87 17.09 -12.58
N VAL A 352 2.73 17.40 -11.30
CA VAL A 352 2.07 16.53 -10.33
C VAL A 352 0.94 17.26 -9.62
N LEU A 353 -0.23 16.61 -9.55
CA LEU A 353 -1.45 17.19 -8.95
C LEU A 353 -1.98 16.35 -7.79
N VAL A 354 -2.27 17.01 -6.67
CA VAL A 354 -2.95 16.39 -5.55
C VAL A 354 -4.23 17.18 -5.24
N SER A 355 -5.37 16.48 -5.21
CA SER A 355 -6.64 17.11 -4.89
C SER A 355 -6.97 17.17 -3.38
N SER A 356 -7.98 17.96 -3.04
CA SER A 356 -8.43 18.18 -1.67
C SER A 356 -9.14 16.97 -1.07
N GLU A 357 -9.37 17.04 0.25
CA GLU A 357 -9.87 15.92 1.06
C GLU A 357 -11.10 15.18 0.51
N ASN A 358 -12.06 15.92 -0.02
CA ASN A 358 -13.33 15.34 -0.48
C ASN A 358 -13.52 15.28 -2.01
N LYS A 359 -12.48 15.63 -2.76
CA LYS A 359 -12.50 15.59 -4.22
C LYS A 359 -11.48 14.61 -4.82
N THR A 360 -11.80 14.06 -6.00
CA THR A 360 -10.85 13.22 -6.74
C THR A 360 -10.43 13.86 -8.07
N LEU A 361 -9.51 13.18 -8.76
CA LEU A 361 -9.02 13.62 -10.07
C LEU A 361 -9.28 12.54 -11.12
N GLY A 362 -9.95 12.92 -12.21
CA GLY A 362 -10.22 12.01 -13.31
C GLY A 362 -9.55 12.49 -14.59
N THR A 363 -9.79 11.76 -15.67
CA THR A 363 -9.31 12.17 -16.99
C THR A 363 -10.29 13.12 -17.67
N SER A 364 -11.27 12.56 -18.39
CA SER A 364 -12.15 13.38 -19.24
C SER A 364 -13.63 13.05 -19.08
N GLU A 365 -14.47 13.98 -19.51
CA GLU A 365 -15.93 13.86 -19.37
C GLU A 365 -16.67 13.40 -20.64
N HIS A 366 -16.24 13.87 -21.82
CA HIS A 366 -16.87 13.47 -23.09
C HIS A 366 -16.75 11.96 -23.33
N ARG A 367 -17.86 11.35 -23.74
CA ARG A 367 -18.03 9.88 -23.80
C ARG A 367 -18.03 9.24 -22.40
N HIS A 368 -17.13 9.70 -21.53
CA HIS A 368 -17.19 9.51 -20.07
C HIS A 368 -16.88 8.10 -19.55
N ASP A 369 -16.49 8.04 -18.27
CA ASP A 369 -16.29 6.77 -17.57
C ASP A 369 -17.62 6.30 -16.96
N LEU A 370 -17.62 5.10 -16.37
CA LEU A 370 -18.86 4.50 -15.87
C LEU A 370 -18.86 4.35 -14.34
N ALA A 371 -20.07 4.31 -13.75
CA ALA A 371 -20.25 4.09 -12.32
C ALA A 371 -20.26 2.61 -11.99
N ALA A 372 -19.80 2.27 -10.78
CA ALA A 372 -19.67 0.87 -10.35
C ALA A 372 -20.69 0.45 -9.28
N LEU A 373 -20.40 0.76 -8.01
CA LEU A 373 -21.24 0.31 -6.89
C LEU A 373 -22.10 1.39 -6.25
N ASP A 374 -23.07 0.94 -5.46
CA ASP A 374 -24.10 1.79 -4.85
C ASP A 374 -23.55 2.88 -3.94
N GLU A 375 -22.74 2.47 -2.96
CA GLU A 375 -22.28 3.37 -1.89
C GLU A 375 -21.52 4.60 -2.40
N PRO A 376 -21.63 5.73 -1.68
CA PRO A 376 -20.90 6.94 -2.02
C PRO A 376 -19.39 6.70 -2.05
N LEU A 377 -18.69 7.41 -2.93
CA LEU A 377 -17.27 7.21 -3.17
C LEU A 377 -16.40 7.45 -1.93
N ARG A 378 -15.51 6.49 -1.67
CA ARG A 378 -14.47 6.64 -0.66
C ARG A 378 -13.14 6.28 -1.35
N SER A 379 -12.11 7.09 -1.14
CA SER A 379 -10.82 6.83 -1.78
C SER A 379 -9.61 7.46 -1.10
N HIS A 380 -8.51 7.50 -1.85
CA HIS A 380 -7.19 7.87 -1.32
C HIS A 380 -6.27 8.31 -2.47
N GLY A 381 -5.00 8.55 -2.15
CA GLY A 381 -4.01 8.95 -3.15
C GLY A 381 -3.36 10.27 -2.80
N GLY A 382 -4.08 11.10 -2.06
CA GLY A 382 -3.64 12.44 -1.71
C GLY A 382 -2.96 12.55 -0.35
N LEU A 383 -2.69 13.79 0.05
CA LEU A 383 -2.07 14.08 1.33
C LEU A 383 -3.02 13.80 2.49
N THR A 384 -4.31 13.82 2.21
CA THR A 384 -5.33 13.62 3.25
C THR A 384 -5.58 12.15 3.59
N GLU A 385 -4.84 11.25 2.95
CA GLU A 385 -4.83 9.83 3.35
C GLU A 385 -3.40 9.34 3.63
N GLN A 386 -2.52 10.28 3.96
CA GLN A 386 -1.13 9.96 4.23
C GLN A 386 -0.95 9.41 5.63
N GLU A 387 -1.76 9.89 6.57
CA GLU A 387 -1.59 9.52 7.98
C GLU A 387 -2.16 8.13 8.24
N VAL A 388 -1.33 7.26 8.82
CA VAL A 388 -1.74 5.87 9.05
C VAL A 388 -1.31 5.44 10.47
N PRO A 389 -1.99 4.42 11.02
CA PRO A 389 -1.56 3.87 12.30
C PRO A 389 -0.20 3.23 12.19
N PHE A 390 0.53 3.17 13.31
CA PHE A 390 1.80 2.48 13.37
C PHE A 390 1.87 2.04 14.84
N ILE A 391 1.55 0.78 15.08
CA ILE A 391 1.42 0.28 16.43
C ILE A 391 2.34 -0.92 16.59
N VAL A 392 3.11 -0.94 17.68
CA VAL A 392 4.07 -2.02 17.92
C VAL A 392 3.71 -2.69 19.24
N ASN A 393 3.74 -4.03 19.25
CA ASN A 393 3.47 -4.79 20.47
C ASN A 393 4.69 -4.93 21.38
N ARG A 394 5.55 -3.92 21.38
CA ARG A 394 6.70 -3.86 22.30
C ARG A 394 6.88 -2.45 22.82
N VAL A 395 7.53 -2.33 23.97
CA VAL A 395 7.88 -1.02 24.54
C VAL A 395 8.98 -0.39 23.69
N LEU A 396 8.73 0.79 23.12
CA LEU A 396 9.71 1.48 22.28
C LEU A 396 9.59 2.99 22.43
N PRO A 397 10.07 3.54 23.56
CA PRO A 397 9.81 4.97 23.80
C PRO A 397 10.51 5.91 22.81
N GLU A 398 11.61 5.44 22.21
CA GLU A 398 12.36 6.22 21.22
C GLU A 398 11.75 6.19 19.82
N LEU A 399 10.72 5.37 19.61
CA LEU A 399 10.04 5.32 18.32
C LEU A 399 9.56 6.73 17.95
N PRO A 400 9.94 7.24 16.76
CA PRO A 400 9.52 8.58 16.37
C PRO A 400 8.02 8.62 16.06
N ASN A 401 7.48 9.82 15.89
CA ASN A 401 6.10 10.00 15.42
C ASN A 401 6.18 10.61 14.02
N ALA A 402 5.04 10.65 13.33
CA ALA A 402 4.94 11.38 12.05
C ALA A 402 5.28 12.85 12.33
N PRO A 403 5.89 13.57 11.36
CA PRO A 403 6.21 13.18 9.97
C PRO A 403 7.48 12.36 9.80
N ARG A 404 8.30 12.26 10.85
CA ARG A 404 9.56 11.53 10.78
C ARG A 404 9.30 10.04 10.53
N LEU A 405 8.35 9.46 11.28
CA LEU A 405 8.04 8.04 11.17
C LEU A 405 7.23 7.77 9.91
N ARG A 406 7.69 6.79 9.12
CA ARG A 406 7.02 6.43 7.88
C ARG A 406 6.46 5.02 7.98
N ASN A 407 5.44 4.71 7.19
CA ASN A 407 4.96 3.33 7.16
C ASN A 407 6.05 2.38 6.70
N PHE A 408 6.96 2.88 5.86
CA PHE A 408 8.11 2.07 5.41
C PHE A 408 9.28 1.97 6.40
N ASP A 409 9.05 2.47 7.61
CA ASP A 409 9.90 2.14 8.77
C ASP A 409 9.40 0.89 9.50
N ALA A 410 8.35 0.26 9.01
CA ALA A 410 7.73 -0.88 9.72
C ALA A 410 8.73 -1.98 10.04
N PHE A 411 9.40 -2.52 9.02
CA PHE A 411 10.34 -3.59 9.27
C PHE A 411 11.55 -3.16 10.08
N PHE A 412 12.00 -1.92 9.90
CA PHE A 412 13.14 -1.43 10.71
C PHE A 412 12.86 -1.57 12.21
N TYR A 413 11.69 -1.08 12.63
CA TYR A 413 11.31 -1.12 14.04
C TYR A 413 10.78 -2.46 14.50
N ALA A 414 10.13 -3.22 13.61
CA ALA A 414 9.80 -4.62 13.93
C ALA A 414 11.03 -5.48 14.30
N VAL A 415 12.07 -5.44 13.45
CA VAL A 415 13.29 -6.23 13.76
C VAL A 415 14.09 -5.67 14.95
N THR A 416 14.14 -4.35 15.07
CA THR A 416 14.73 -3.71 16.25
C THR A 416 14.02 -4.21 17.52
N ALA A 417 12.69 -4.13 17.52
CA ALA A 417 11.91 -4.68 18.61
C ALA A 417 12.22 -6.17 18.81
N ALA A 418 12.25 -6.94 17.73
CA ALA A 418 12.51 -8.39 17.78
C ALA A 418 13.92 -8.74 18.25
N ALA A 419 14.88 -7.84 18.02
CA ALA A 419 16.23 -7.98 18.54
C ALA A 419 16.22 -7.49 19.99
ZN ZN B . -4.48 0.30 -0.49
ZN ZN C . -7.89 1.56 -2.46
P PAE D . -5.09 0.29 -3.72
O1P PAE D . -4.09 1.40 -3.94
O2P PAE D . -5.23 -0.17 -2.28
O3P PAE D . -4.90 -0.90 -4.66
C1P PAE D . -6.66 1.01 -4.22
C1 PAE D . -7.58 -0.06 -4.69
O1 PAE D . -7.41 -0.53 -5.83
O2 PAE D . -8.48 -0.43 -3.91
#